data_7N23
#
_entry.id   7N23
#
_entity_poly.entity_id   1
_entity_poly.type   'polypeptide(L)'
_entity_poly.pdbx_seq_one_letter_code
;GGCCSHPACAANNQDYC
;
_entity_poly.pdbx_strand_id   A
#
# COMPACT_ATOMS: atom_id res chain seq x y z
N GLY A 1 -0.15 7.21 1.79
CA GLY A 1 -1.48 6.64 1.64
C GLY A 1 -1.65 6.05 0.26
N GLY A 2 -2.69 6.46 -0.42
CA GLY A 2 -2.92 6.01 -1.77
C GLY A 2 -3.35 4.57 -1.84
N CYS A 3 -2.54 3.74 -2.45
CA CYS A 3 -2.89 2.35 -2.67
C CYS A 3 -2.77 1.53 -1.39
N CYS A 4 -2.26 2.15 -0.35
CA CYS A 4 -2.14 1.52 0.97
C CYS A 4 -3.49 1.08 1.55
N SER A 5 -4.59 1.53 0.93
CA SER A 5 -5.92 1.09 1.30
C SER A 5 -6.17 -0.34 0.78
N HIS A 6 -5.32 -0.79 -0.12
CA HIS A 6 -5.40 -2.11 -0.69
C HIS A 6 -4.24 -2.92 -0.16
N PRO A 7 -4.50 -4.06 0.49
CA PRO A 7 -3.48 -4.97 1.02
C PRO A 7 -2.42 -5.33 -0.02
N ALA A 8 -2.84 -5.43 -1.28
CA ALA A 8 -1.94 -5.73 -2.40
C ALA A 8 -0.77 -4.74 -2.45
N CYS A 9 -1.07 -3.48 -2.34
CA CYS A 9 -0.05 -2.47 -2.40
C CYS A 9 0.66 -2.33 -1.06
N ALA A 10 -0.11 -2.27 0.01
CA ALA A 10 0.46 -2.01 1.34
C ALA A 10 1.38 -3.12 1.83
N ALA A 11 1.15 -4.34 1.38
CA ALA A 11 1.96 -5.46 1.81
C ALA A 11 3.26 -5.55 1.04
N ASN A 12 3.31 -4.95 -0.14
CA ASN A 12 4.50 -5.07 -0.96
C ASN A 12 5.24 -3.76 -1.07
N ASN A 13 4.55 -2.67 -0.92
CA ASN A 13 5.16 -1.35 -0.97
C ASN A 13 4.71 -0.54 0.20
N GLN A 14 5.47 -0.62 1.25
CA GLN A 14 5.15 0.11 2.47
C GLN A 14 5.71 1.52 2.42
N ASP A 15 6.42 1.83 1.35
CA ASP A 15 6.99 3.17 1.16
C ASP A 15 5.90 4.20 0.89
N TYR A 16 4.79 3.74 0.35
CA TYR A 16 3.65 4.62 0.10
C TYR A 16 2.86 4.79 1.38
N CYS A 17 3.14 3.96 2.35
CA CYS A 17 2.38 3.94 3.56
C CYS A 17 3.11 4.74 4.63
N GLY A 1 -0.21 6.51 1.10
CA GLY A 1 -0.40 6.34 -0.32
C GLY A 1 -1.83 6.04 -0.66
N GLY A 2 -2.18 6.14 -1.92
CA GLY A 2 -3.55 5.92 -2.33
C GLY A 2 -3.87 4.46 -2.52
N CYS A 3 -2.87 3.68 -2.83
CA CYS A 3 -3.05 2.26 -3.10
C CYS A 3 -3.10 1.51 -1.77
N CYS A 4 -2.60 2.15 -0.72
CA CYS A 4 -2.51 1.58 0.64
C CYS A 4 -3.87 1.23 1.25
N SER A 5 -4.94 1.59 0.57
CA SER A 5 -6.27 1.22 0.97
C SER A 5 -6.49 -0.28 0.72
N HIS A 6 -5.58 -0.88 -0.06
CA HIS A 6 -5.61 -2.29 -0.35
C HIS A 6 -4.33 -2.92 0.21
N PRO A 7 -4.46 -4.02 1.00
CA PRO A 7 -3.31 -4.73 1.58
C PRO A 7 -2.26 -5.15 0.53
N ALA A 8 -2.71 -5.42 -0.69
CA ALA A 8 -1.82 -5.77 -1.80
C ALA A 8 -0.75 -4.72 -1.98
N CYS A 9 -1.16 -3.49 -2.07
CA CYS A 9 -0.26 -2.38 -2.29
C CYS A 9 0.60 -2.15 -1.05
N ALA A 10 -0.03 -2.29 0.12
CA ALA A 10 0.65 -2.04 1.39
C ALA A 10 1.74 -3.08 1.65
N ALA A 11 1.54 -4.29 1.17
CA ALA A 11 2.50 -5.35 1.33
C ALA A 11 3.64 -5.22 0.32
N ASN A 12 3.31 -4.76 -0.86
CA ASN A 12 4.31 -4.64 -1.91
C ASN A 12 5.10 -3.35 -1.76
N ASN A 13 4.50 -2.36 -1.15
CA ASN A 13 5.14 -1.06 -0.95
C ASN A 13 4.74 -0.51 0.38
N GLN A 14 5.58 -0.69 1.36
CA GLN A 14 5.30 -0.23 2.70
C GLN A 14 5.68 1.23 2.86
N ASP A 15 6.67 1.68 2.11
CA ASP A 15 7.14 3.07 2.21
C ASP A 15 6.15 4.00 1.56
N TYR A 16 5.31 3.44 0.71
CA TYR A 16 4.24 4.18 0.07
C TYR A 16 3.14 4.46 1.07
N CYS A 17 3.13 3.70 2.13
CA CYS A 17 2.13 3.84 3.14
C CYS A 17 2.75 4.52 4.35
N GLY A 1 -2.25 8.69 0.55
CA GLY A 1 -2.81 7.37 0.77
C GLY A 1 -3.66 6.94 -0.40
N GLY A 2 -4.20 5.75 -0.34
CA GLY A 2 -5.04 5.26 -1.42
C GLY A 2 -4.62 3.88 -1.85
N CYS A 3 -3.37 3.75 -2.24
CA CYS A 3 -2.84 2.48 -2.71
C CYS A 3 -2.69 1.56 -1.49
N CYS A 4 -2.17 2.11 -0.41
CA CYS A 4 -1.90 1.37 0.82
C CYS A 4 -3.20 0.99 1.54
N SER A 5 -4.32 1.48 1.05
CA SER A 5 -5.61 1.10 1.57
C SER A 5 -5.93 -0.31 1.10
N HIS A 6 -5.28 -0.71 0.02
CA HIS A 6 -5.45 -2.03 -0.54
C HIS A 6 -4.24 -2.87 -0.13
N PRO A 7 -4.48 -4.10 0.36
CA PRO A 7 -3.40 -5.04 0.75
C PRO A 7 -2.30 -5.19 -0.31
N ALA A 8 -2.70 -5.15 -1.58
CA ALA A 8 -1.78 -5.24 -2.72
C ALA A 8 -0.60 -4.29 -2.57
N CYS A 9 -0.89 -3.02 -2.35
CA CYS A 9 0.15 -2.04 -2.24
C CYS A 9 0.77 -2.11 -0.86
N ALA A 10 -0.06 -2.18 0.17
CA ALA A 10 0.40 -2.10 1.56
C ALA A 10 1.39 -3.20 1.93
N ALA A 11 1.14 -4.40 1.48
CA ALA A 11 1.96 -5.54 1.83
C ALA A 11 3.27 -5.56 1.05
N ASN A 12 3.28 -4.98 -0.12
CA ASN A 12 4.48 -5.04 -0.95
C ASN A 12 5.24 -3.75 -0.91
N ASN A 13 4.56 -2.68 -0.63
CA ASN A 13 5.17 -1.38 -0.61
C ASN A 13 4.77 -0.62 0.63
N GLN A 14 5.62 -0.64 1.62
CA GLN A 14 5.39 0.14 2.83
C GLN A 14 5.74 1.60 2.53
N ASP A 15 6.42 1.76 1.43
CA ASP A 15 6.86 3.05 0.91
C ASP A 15 5.69 3.84 0.30
N TYR A 16 4.53 3.22 0.21
CA TYR A 16 3.32 3.93 -0.20
C TYR A 16 2.41 4.15 1.00
N CYS A 17 2.90 3.81 2.15
CA CYS A 17 2.12 3.95 3.34
C CYS A 17 2.68 5.10 4.17
N GLY A 1 -4.11 7.83 0.83
CA GLY A 1 -5.14 7.03 0.16
C GLY A 1 -4.67 6.57 -1.17
N GLY A 2 -5.28 5.54 -1.71
CA GLY A 2 -4.91 5.04 -3.00
C GLY A 2 -4.60 3.58 -2.96
N CYS A 3 -3.48 3.19 -3.52
CA CYS A 3 -3.06 1.80 -3.58
C CYS A 3 -2.83 1.30 -2.15
N CYS A 4 -2.25 2.16 -1.31
CA CYS A 4 -1.93 1.81 0.07
C CYS A 4 -3.19 1.50 0.91
N SER A 5 -4.35 1.90 0.40
CA SER A 5 -5.60 1.62 1.06
C SER A 5 -5.98 0.13 0.84
N HIS A 6 -5.26 -0.52 -0.05
CA HIS A 6 -5.43 -1.92 -0.32
C HIS A 6 -4.24 -2.67 0.26
N PRO A 7 -4.47 -3.66 1.11
CA PRO A 7 -3.41 -4.48 1.73
C PRO A 7 -2.43 -5.07 0.69
N ALA A 8 -2.94 -5.32 -0.52
CA ALA A 8 -2.16 -5.83 -1.63
C ALA A 8 -0.97 -4.91 -1.92
N CYS A 9 -1.23 -3.62 -1.94
CA CYS A 9 -0.18 -2.66 -2.24
C CYS A 9 0.66 -2.43 -1.02
N ALA A 10 0.02 -2.45 0.14
CA ALA A 10 0.68 -2.20 1.42
C ALA A 10 1.82 -3.18 1.66
N ALA A 11 1.60 -4.41 1.25
CA ALA A 11 2.58 -5.47 1.43
C ALA A 11 3.73 -5.33 0.43
N ASN A 12 3.46 -4.85 -0.77
CA ASN A 12 4.49 -4.76 -1.80
C ASN A 12 5.19 -3.42 -1.79
N ASN A 13 4.51 -2.42 -1.31
CA ASN A 13 5.04 -1.06 -1.25
C ASN A 13 4.76 -0.46 0.10
N GLN A 14 5.70 -0.59 0.99
CA GLN A 14 5.54 -0.12 2.36
C GLN A 14 5.84 1.37 2.46
N ASP A 15 6.44 1.93 1.43
CA ASP A 15 6.83 3.35 1.44
C ASP A 15 5.61 4.26 1.40
N TYR A 16 4.49 3.76 0.92
CA TYR A 16 3.28 4.54 0.85
C TYR A 16 2.49 4.42 2.15
N CYS A 17 2.82 3.42 2.92
CA CYS A 17 2.05 3.11 4.09
C CYS A 17 2.82 3.42 5.34
N GLY A 1 -5.86 8.35 2.60
CA GLY A 1 -5.41 7.01 2.25
C GLY A 1 -5.13 6.91 0.78
N GLY A 2 -4.31 5.98 0.38
CA GLY A 2 -3.99 5.80 -1.02
C GLY A 2 -4.02 4.33 -1.40
N CYS A 3 -2.91 3.82 -1.88
CA CYS A 3 -2.85 2.44 -2.32
C CYS A 3 -2.58 1.53 -1.14
N CYS A 4 -2.17 2.13 -0.03
CA CYS A 4 -1.92 1.37 1.20
C CYS A 4 -3.26 0.97 1.85
N SER A 5 -4.34 1.50 1.27
CA SER A 5 -5.68 1.17 1.65
C SER A 5 -6.11 -0.10 0.88
N HIS A 6 -5.16 -0.69 0.17
CA HIS A 6 -5.37 -1.90 -0.58
C HIS A 6 -4.25 -2.86 -0.24
N PRO A 7 -4.58 -4.15 0.01
CA PRO A 7 -3.60 -5.20 0.36
C PRO A 7 -2.45 -5.29 -0.64
N ALA A 8 -2.72 -4.96 -1.89
CA ALA A 8 -1.72 -5.00 -2.95
C ALA A 8 -0.50 -4.14 -2.61
N CYS A 9 -0.71 -2.86 -2.40
CA CYS A 9 0.42 -1.99 -2.13
C CYS A 9 0.89 -2.10 -0.71
N ALA A 10 -0.03 -2.18 0.24
CA ALA A 10 0.32 -2.15 1.66
C ALA A 10 1.21 -3.34 2.10
N ALA A 11 1.05 -4.47 1.45
CA ALA A 11 1.81 -5.65 1.83
C ALA A 11 3.17 -5.70 1.16
N ASN A 12 3.31 -5.02 0.05
CA ASN A 12 4.55 -5.10 -0.72
C ASN A 12 5.37 -3.86 -0.63
N ASN A 13 4.72 -2.77 -0.35
CA ASN A 13 5.33 -1.49 -0.38
C ASN A 13 4.95 -0.69 0.81
N GLN A 14 5.86 -0.53 1.70
CA GLN A 14 5.64 0.34 2.83
C GLN A 14 5.80 1.79 2.38
N ASP A 15 6.49 1.97 1.25
CA ASP A 15 6.72 3.30 0.68
C ASP A 15 5.42 3.89 0.13
N TYR A 16 4.42 3.03 -0.06
CA TYR A 16 3.10 3.45 -0.51
C TYR A 16 2.20 3.74 0.67
N CYS A 17 2.74 3.70 1.85
CA CYS A 17 1.98 3.96 3.04
C CYS A 17 2.47 5.25 3.67
N GLY A 1 -10.84 3.56 -3.22
CA GLY A 1 -10.01 4.52 -3.95
C GLY A 1 -8.64 4.61 -3.33
N GLY A 2 -7.62 4.43 -4.14
CA GLY A 2 -6.27 4.51 -3.64
C GLY A 2 -5.65 3.14 -3.48
N CYS A 3 -4.40 3.02 -3.85
CA CYS A 3 -3.69 1.75 -3.80
C CYS A 3 -3.36 1.42 -2.34
N CYS A 4 -2.92 2.42 -1.57
CA CYS A 4 -2.46 2.21 -0.19
C CYS A 4 -3.59 1.74 0.75
N SER A 5 -4.82 1.80 0.29
CA SER A 5 -5.95 1.33 1.05
C SER A 5 -6.07 -0.20 0.93
N HIS A 6 -5.35 -0.77 -0.01
CA HIS A 6 -5.36 -2.20 -0.23
C HIS A 6 -4.15 -2.83 0.39
N PRO A 7 -4.36 -3.90 1.20
CA PRO A 7 -3.27 -4.69 1.79
C PRO A 7 -2.24 -5.14 0.75
N ALA A 8 -2.71 -5.36 -0.49
CA ALA A 8 -1.85 -5.72 -1.61
C ALA A 8 -0.78 -4.66 -1.81
N CYS A 9 -1.21 -3.44 -2.07
CA CYS A 9 -0.29 -2.34 -2.32
C CYS A 9 0.51 -2.04 -1.08
N ALA A 10 -0.12 -2.17 0.08
CA ALA A 10 0.53 -1.90 1.36
C ALA A 10 1.70 -2.84 1.62
N ALA A 11 1.52 -4.11 1.30
CA ALA A 11 2.55 -5.11 1.53
C ALA A 11 3.68 -4.97 0.54
N ASN A 12 3.36 -4.50 -0.64
CA ASN A 12 4.34 -4.32 -1.70
C ASN A 12 5.00 -2.96 -1.64
N ASN A 13 4.35 -2.02 -0.99
CA ASN A 13 4.89 -0.68 -0.87
C ASN A 13 4.82 -0.20 0.54
N GLN A 14 5.78 -0.60 1.33
CA GLN A 14 5.86 -0.17 2.71
C GLN A 14 6.49 1.20 2.79
N ASP A 15 6.87 1.70 1.63
CA ASP A 15 7.39 3.04 1.48
C ASP A 15 6.23 4.01 1.35
N TYR A 16 5.10 3.51 0.89
CA TYR A 16 3.89 4.32 0.83
C TYR A 16 3.07 4.11 2.08
N CYS A 17 2.92 2.87 2.45
CA CYS A 17 2.13 2.51 3.58
C CYS A 17 3.06 2.06 4.70
N GLY A 1 -4.68 9.14 -4.91
CA GLY A 1 -5.22 7.81 -4.67
C GLY A 1 -4.11 6.87 -4.27
N GLY A 2 -4.09 6.52 -3.00
CA GLY A 2 -3.08 5.66 -2.49
C GLY A 2 -3.50 4.22 -2.58
N CYS A 3 -2.59 3.38 -2.98
CA CYS A 3 -2.88 1.96 -3.13
C CYS A 3 -2.69 1.26 -1.80
N CYS A 4 -2.20 2.00 -0.83
CA CYS A 4 -1.96 1.52 0.54
C CYS A 4 -3.29 1.16 1.22
N SER A 5 -4.40 1.68 0.68
CA SER A 5 -5.73 1.37 1.17
C SER A 5 -6.15 -0.05 0.76
N HIS A 6 -5.28 -0.74 0.05
CA HIS A 6 -5.53 -2.07 -0.43
C HIS A 6 -4.38 -2.96 0.03
N PRO A 7 -4.68 -4.15 0.58
CA PRO A 7 -3.66 -5.10 1.10
C PRO A 7 -2.50 -5.34 0.13
N ALA A 8 -2.82 -5.43 -1.16
CA ALA A 8 -1.86 -5.68 -2.23
C ALA A 8 -0.67 -4.72 -2.15
N CYS A 9 -0.94 -3.45 -2.23
CA CYS A 9 0.10 -2.48 -2.26
C CYS A 9 0.61 -2.17 -0.86
N ALA A 10 -0.24 -2.29 0.14
CA ALA A 10 0.17 -1.99 1.52
C ALA A 10 1.27 -2.94 2.00
N ALA A 11 1.22 -4.17 1.55
CA ALA A 11 2.20 -5.16 1.93
C ALA A 11 3.44 -5.10 1.03
N ASN A 12 3.23 -4.89 -0.26
CA ASN A 12 4.34 -4.94 -1.21
C ASN A 12 5.02 -3.59 -1.41
N ASN A 13 4.32 -2.53 -1.13
CA ASN A 13 4.87 -1.19 -1.29
C ASN A 13 4.71 -0.45 0.01
N GLN A 14 5.67 -0.60 0.87
CA GLN A 14 5.57 -0.02 2.19
C GLN A 14 6.02 1.42 2.23
N ASP A 15 6.57 1.92 1.13
CA ASP A 15 7.03 3.32 1.07
C ASP A 15 5.85 4.28 0.93
N TYR A 16 4.67 3.73 0.69
CA TYR A 16 3.47 4.54 0.58
C TYR A 16 2.61 4.42 1.83
N CYS A 17 3.12 3.76 2.84
CA CYS A 17 2.36 3.56 4.04
C CYS A 17 3.10 4.14 5.24
N GLY A 1 0.04 6.58 -5.49
CA GLY A 1 -1.39 6.48 -5.72
C GLY A 1 -2.10 6.16 -4.44
N GLY A 2 -3.22 5.47 -4.54
CA GLY A 2 -3.97 5.10 -3.38
C GLY A 2 -4.25 3.63 -3.38
N CYS A 3 -3.25 2.86 -3.70
CA CYS A 3 -3.39 1.42 -3.79
C CYS A 3 -3.20 0.83 -2.39
N CYS A 4 -2.54 1.60 -1.53
CA CYS A 4 -2.17 1.17 -0.18
C CYS A 4 -3.40 0.96 0.72
N SER A 5 -4.56 1.36 0.24
CA SER A 5 -5.79 1.10 0.96
C SER A 5 -6.10 -0.41 0.83
N HIS A 6 -5.58 -1.01 -0.23
CA HIS A 6 -5.75 -2.43 -0.47
C HIS A 6 -4.55 -3.12 0.17
N PRO A 7 -4.78 -4.09 1.06
CA PRO A 7 -3.70 -4.85 1.72
C PRO A 7 -2.66 -5.42 0.73
N ALA A 8 -3.16 -5.79 -0.45
CA ALA A 8 -2.31 -6.32 -1.51
C ALA A 8 -1.24 -5.31 -1.92
N CYS A 9 -1.66 -4.08 -2.21
CA CYS A 9 -0.72 -3.06 -2.62
C CYS A 9 0.05 -2.58 -1.42
N ALA A 10 -0.62 -2.50 -0.27
CA ALA A 10 -0.02 -2.01 0.99
C ALA A 10 1.26 -2.75 1.34
N ALA A 11 1.25 -4.06 1.14
CA ALA A 11 2.42 -4.91 1.41
C ALA A 11 3.57 -4.60 0.43
N ASN A 12 3.24 -3.93 -0.64
CA ASN A 12 4.21 -3.53 -1.65
C ASN A 12 4.39 -2.01 -1.62
N ASN A 13 3.83 -1.38 -0.61
CA ASN A 13 3.86 0.08 -0.48
C ASN A 13 4.41 0.49 0.86
N GLN A 14 5.30 -0.33 1.42
CA GLN A 14 5.90 -0.05 2.74
C GLN A 14 6.76 1.22 2.70
N ASP A 15 7.16 1.60 1.52
CA ASP A 15 7.96 2.79 1.29
C ASP A 15 7.08 4.03 1.33
N TYR A 16 5.80 3.86 1.08
CA TYR A 16 4.86 4.97 1.13
C TYR A 16 4.17 4.96 2.48
N CYS A 17 3.74 3.78 2.87
CA CYS A 17 3.02 3.59 4.08
C CYS A 17 3.93 3.03 5.16
N GLY A 1 -8.09 6.83 -0.48
CA GLY A 1 -6.72 6.82 0.02
C GLY A 1 -5.74 6.62 -1.10
N GLY A 2 -5.58 5.39 -1.50
CA GLY A 2 -4.72 5.06 -2.60
C GLY A 2 -4.62 3.58 -2.69
N CYS A 3 -3.59 3.08 -3.35
CA CYS A 3 -3.40 1.63 -3.46
C CYS A 3 -2.97 1.09 -2.09
N CYS A 4 -2.44 2.00 -1.28
CA CYS A 4 -2.03 1.72 0.08
C CYS A 4 -3.26 1.38 0.95
N SER A 5 -4.44 1.75 0.48
CA SER A 5 -5.67 1.47 1.17
C SER A 5 -6.17 0.05 0.82
N HIS A 6 -5.34 -0.70 0.12
CA HIS A 6 -5.64 -2.06 -0.28
C HIS A 6 -4.45 -2.93 0.13
N PRO A 7 -4.69 -4.18 0.59
CA PRO A 7 -3.63 -5.11 1.07
C PRO A 7 -2.50 -5.34 0.04
N ALA A 8 -2.80 -5.14 -1.23
CA ALA A 8 -1.83 -5.30 -2.31
C ALA A 8 -0.64 -4.35 -2.12
N CYS A 9 -0.90 -3.07 -2.11
CA CYS A 9 0.17 -2.11 -1.96
C CYS A 9 0.51 -1.89 -0.51
N ALA A 10 -0.37 -2.30 0.38
CA ALA A 10 -0.08 -2.22 1.80
C ALA A 10 1.09 -3.13 2.14
N ALA A 11 1.12 -4.29 1.53
CA ALA A 11 2.17 -5.24 1.76
C ALA A 11 3.41 -4.92 0.94
N ASN A 12 3.22 -4.64 -0.33
CA ASN A 12 4.38 -4.44 -1.22
C ASN A 12 4.98 -3.06 -1.15
N ASN A 13 4.31 -2.14 -0.53
CA ASN A 13 4.79 -0.79 -0.53
C ASN A 13 4.93 -0.21 0.83
N GLN A 14 6.12 -0.29 1.35
CA GLN A 14 6.42 0.36 2.61
C GLN A 14 6.73 1.82 2.32
N ASP A 15 6.94 2.11 1.04
CA ASP A 15 7.18 3.46 0.58
C ASP A 15 5.87 4.21 0.47
N TYR A 16 4.79 3.49 0.54
CA TYR A 16 3.49 4.10 0.58
C TYR A 16 2.83 3.89 1.92
N CYS A 17 2.89 2.69 2.43
CA CYS A 17 2.26 2.38 3.70
C CYS A 17 3.30 2.35 4.79
N GLY A 1 -7.79 5.92 1.02
CA GLY A 1 -6.73 6.90 0.81
C GLY A 1 -6.05 6.73 -0.51
N GLY A 2 -5.45 5.57 -0.74
CA GLY A 2 -4.79 5.36 -1.98
C GLY A 2 -4.38 3.93 -2.17
N CYS A 3 -3.17 3.75 -2.65
CA CYS A 3 -2.60 2.43 -2.94
C CYS A 3 -2.57 1.62 -1.63
N CYS A 4 -2.18 2.29 -0.56
CA CYS A 4 -2.00 1.67 0.75
C CYS A 4 -3.36 1.20 1.34
N SER A 5 -4.46 1.64 0.73
CA SER A 5 -5.79 1.25 1.14
C SER A 5 -6.17 -0.09 0.48
N HIS A 6 -5.23 -0.65 -0.25
CA HIS A 6 -5.36 -1.92 -0.88
C HIS A 6 -4.31 -2.85 -0.29
N PRO A 7 -4.70 -4.09 0.09
CA PRO A 7 -3.79 -5.08 0.69
C PRO A 7 -2.53 -5.30 -0.16
N ALA A 8 -2.71 -5.24 -1.48
CA ALA A 8 -1.64 -5.39 -2.44
C ALA A 8 -0.50 -4.41 -2.15
N CYS A 9 -0.82 -3.14 -2.07
CA CYS A 9 0.19 -2.14 -1.81
C CYS A 9 0.60 -2.18 -0.36
N ALA A 10 -0.34 -2.47 0.52
CA ALA A 10 -0.08 -2.49 1.95
C ALA A 10 1.01 -3.49 2.34
N ALA A 11 1.02 -4.63 1.70
CA ALA A 11 1.99 -5.65 1.99
C ALA A 11 3.28 -5.47 1.20
N ASN A 12 3.23 -4.79 0.08
CA ASN A 12 4.41 -4.70 -0.81
C ASN A 12 5.03 -3.33 -0.88
N ASN A 13 4.33 -2.33 -0.41
CA ASN A 13 4.78 -0.98 -0.59
C ASN A 13 4.90 -0.22 0.69
N GLN A 14 6.07 -0.21 1.24
CA GLN A 14 6.35 0.59 2.42
C GLN A 14 6.60 2.03 2.02
N ASP A 15 6.64 2.26 0.71
CA ASP A 15 6.75 3.58 0.15
C ASP A 15 5.38 4.28 0.19
N TYR A 16 4.32 3.49 0.13
CA TYR A 16 2.98 4.03 0.24
C TYR A 16 2.45 3.88 1.65
N CYS A 17 2.90 2.86 2.32
CA CYS A 17 2.51 2.63 3.69
C CYS A 17 3.66 2.98 4.60
N GLY A 1 -6.16 6.14 2.61
CA GLY A 1 -6.37 6.91 1.40
C GLY A 1 -5.22 6.75 0.46
N GLY A 2 -5.38 5.91 -0.53
CA GLY A 2 -4.33 5.63 -1.45
C GLY A 2 -4.29 4.15 -1.73
N CYS A 3 -3.21 3.67 -2.30
CA CYS A 3 -3.14 2.26 -2.63
C CYS A 3 -2.73 1.45 -1.41
N CYS A 4 -2.24 2.15 -0.39
CA CYS A 4 -1.90 1.51 0.88
C CYS A 4 -3.19 1.10 1.62
N SER A 5 -4.33 1.53 1.11
CA SER A 5 -5.60 1.13 1.65
C SER A 5 -6.02 -0.23 1.04
N HIS A 6 -5.14 -0.77 0.20
CA HIS A 6 -5.33 -2.06 -0.42
C HIS A 6 -4.13 -2.93 -0.10
N PRO A 7 -4.34 -4.20 0.30
CA PRO A 7 -3.25 -5.13 0.67
C PRO A 7 -2.17 -5.27 -0.40
N ALA A 8 -2.58 -5.16 -1.66
CA ALA A 8 -1.70 -5.28 -2.82
C ALA A 8 -0.53 -4.29 -2.72
N CYS A 9 -0.82 -3.02 -2.67
CA CYS A 9 0.24 -2.04 -2.58
C CYS A 9 0.82 -1.98 -1.18
N ALA A 10 -0.04 -2.03 -0.18
CA ALA A 10 0.37 -1.81 1.21
C ALA A 10 1.39 -2.81 1.72
N ALA A 11 1.05 -4.08 1.68
CA ALA A 11 1.90 -5.10 2.29
C ALA A 11 3.12 -5.42 1.46
N ASN A 12 3.08 -5.06 0.22
CA ASN A 12 4.19 -5.36 -0.66
C ASN A 12 5.09 -4.16 -0.81
N ASN A 13 4.53 -2.99 -0.61
CA ASN A 13 5.26 -1.76 -0.76
C ASN A 13 4.92 -0.82 0.37
N GLN A 14 5.73 -0.82 1.39
CA GLN A 14 5.48 -0.01 2.58
C GLN A 14 5.77 1.47 2.33
N ASP A 15 6.36 1.78 1.19
CA ASP A 15 6.73 3.17 0.85
C ASP A 15 5.50 4.01 0.51
N TYR A 16 4.38 3.34 0.25
CA TYR A 16 3.12 4.02 -0.03
C TYR A 16 2.41 4.39 1.25
N CYS A 17 2.85 3.81 2.33
CA CYS A 17 2.20 4.00 3.57
C CYS A 17 2.92 5.05 4.39
N GLY A 1 -4.19 8.43 1.99
CA GLY A 1 -4.32 7.01 1.69
C GLY A 1 -3.66 6.67 0.39
N GLY A 2 -4.36 6.00 -0.48
CA GLY A 2 -3.83 5.64 -1.76
C GLY A 2 -3.95 4.17 -2.00
N CYS A 3 -2.95 3.57 -2.59
CA CYS A 3 -3.00 2.15 -2.90
C CYS A 3 -2.73 1.34 -1.65
N CYS A 4 -2.19 1.99 -0.63
CA CYS A 4 -1.93 1.36 0.66
C CYS A 4 -3.28 0.99 1.33
N SER A 5 -4.38 1.57 0.82
CA SER A 5 -5.71 1.27 1.32
C SER A 5 -6.17 -0.10 0.76
N HIS A 6 -5.31 -0.72 -0.03
CA HIS A 6 -5.50 -2.06 -0.53
C HIS A 6 -4.32 -2.88 -0.04
N PRO A 7 -4.59 -4.06 0.55
CA PRO A 7 -3.53 -4.95 1.08
C PRO A 7 -2.39 -5.22 0.08
N ALA A 8 -2.74 -5.28 -1.21
CA ALA A 8 -1.77 -5.50 -2.28
C ALA A 8 -0.61 -4.50 -2.22
N CYS A 9 -0.91 -3.23 -2.32
CA CYS A 9 0.13 -2.22 -2.30
C CYS A 9 0.69 -2.02 -0.92
N ALA A 10 -0.13 -2.22 0.09
CA ALA A 10 0.29 -2.02 1.47
C ALA A 10 1.36 -3.02 1.89
N ALA A 11 1.23 -4.25 1.44
CA ALA A 11 2.18 -5.28 1.79
C ALA A 11 3.39 -5.25 0.88
N ASN A 12 3.18 -4.95 -0.38
CA ASN A 12 4.29 -4.95 -1.35
C ASN A 12 5.08 -3.66 -1.30
N ASN A 13 4.47 -2.59 -0.86
CA ASN A 13 5.13 -1.31 -0.83
C ASN A 13 4.88 -0.61 0.47
N GLN A 14 5.82 -0.73 1.37
CA GLN A 14 5.71 -0.06 2.65
C GLN A 14 5.95 1.44 2.48
N ASP A 15 6.54 1.79 1.35
CA ASP A 15 6.91 3.17 1.04
C ASP A 15 5.71 4.01 0.58
N TYR A 16 4.53 3.40 0.49
CA TYR A 16 3.33 4.17 0.16
C TYR A 16 2.44 4.29 1.39
N CYS A 17 2.94 3.83 2.50
CA CYS A 17 2.20 3.81 3.72
C CYS A 17 2.84 4.75 4.71
N GLY A 1 -8.10 5.83 0.84
CA GLY A 1 -7.04 6.53 0.12
C GLY A 1 -6.83 5.92 -1.23
N GLY A 2 -5.60 5.71 -1.63
CA GLY A 2 -5.31 5.13 -2.92
C GLY A 2 -5.19 3.63 -2.83
N CYS A 3 -4.21 3.07 -3.51
CA CYS A 3 -4.01 1.64 -3.54
C CYS A 3 -3.47 1.16 -2.19
N CYS A 4 -2.93 2.11 -1.45
CA CYS A 4 -2.40 1.87 -0.12
C CYS A 4 -3.51 1.38 0.84
N SER A 5 -4.76 1.68 0.50
CA SER A 5 -5.90 1.26 1.30
C SER A 5 -6.21 -0.24 1.06
N HIS A 6 -5.47 -0.83 0.16
CA HIS A 6 -5.63 -2.22 -0.17
C HIS A 6 -4.36 -2.93 0.25
N PRO A 7 -4.48 -4.11 0.90
CA PRO A 7 -3.32 -4.88 1.39
C PRO A 7 -2.26 -5.14 0.30
N ALA A 8 -2.72 -5.24 -0.95
CA ALA A 8 -1.86 -5.44 -2.11
C ALA A 8 -0.73 -4.40 -2.16
N CYS A 9 -1.09 -3.14 -2.22
CA CYS A 9 -0.10 -2.09 -2.32
C CYS A 9 0.52 -1.78 -0.96
N ALA A 10 -0.22 -2.09 0.11
CA ALA A 10 0.24 -1.83 1.45
C ALA A 10 1.43 -2.71 1.85
N ALA A 11 1.35 -3.98 1.51
CA ALA A 11 2.41 -4.94 1.86
C ALA A 11 3.52 -4.94 0.83
N ASN A 12 3.21 -4.50 -0.37
CA ASN A 12 4.21 -4.49 -1.43
C ASN A 12 4.95 -3.18 -1.50
N ASN A 13 4.47 -2.17 -0.80
CA ASN A 13 5.14 -0.88 -0.78
C ASN A 13 5.08 -0.30 0.61
N GLN A 14 6.06 -0.61 1.41
CA GLN A 14 6.12 -0.13 2.77
C GLN A 14 6.55 1.33 2.83
N ASP A 15 7.03 1.85 1.71
CA ASP A 15 7.42 3.25 1.64
C ASP A 15 6.20 4.09 1.27
N TYR A 16 5.22 3.46 0.66
CA TYR A 16 3.95 4.11 0.36
C TYR A 16 3.08 4.05 1.58
N CYS A 17 3.06 2.90 2.20
CA CYS A 17 2.27 2.69 3.38
C CYS A 17 3.18 2.52 4.58
N GLY A 1 -1.79 6.77 -7.31
CA GLY A 1 -3.13 6.55 -6.80
C GLY A 1 -3.09 5.99 -5.41
N GLY A 2 -4.21 5.99 -4.73
CA GLY A 2 -4.26 5.53 -3.36
C GLY A 2 -4.48 4.04 -3.26
N CYS A 3 -3.48 3.26 -3.67
CA CYS A 3 -3.60 1.82 -3.61
C CYS A 3 -3.21 1.32 -2.24
N CYS A 4 -2.62 2.20 -1.45
CA CYS A 4 -2.15 1.90 -0.08
C CYS A 4 -3.30 1.42 0.82
N SER A 5 -4.52 1.78 0.44
CA SER A 5 -5.71 1.36 1.14
C SER A 5 -5.91 -0.17 1.01
N HIS A 6 -5.38 -0.73 -0.07
CA HIS A 6 -5.49 -2.15 -0.35
C HIS A 6 -4.30 -2.86 0.25
N PRO A 7 -4.51 -3.93 1.04
CA PRO A 7 -3.43 -4.69 1.66
C PRO A 7 -2.38 -5.21 0.64
N ALA A 8 -2.84 -5.46 -0.59
CA ALA A 8 -1.95 -5.90 -1.66
C ALA A 8 -0.86 -4.85 -1.92
N CYS A 9 -1.29 -3.65 -2.28
CA CYS A 9 -0.33 -2.57 -2.55
C CYS A 9 0.36 -2.11 -1.28
N ALA A 10 -0.35 -2.21 -0.16
CA ALA A 10 0.17 -1.82 1.14
C ALA A 10 1.42 -2.62 1.52
N ALA A 11 1.31 -3.92 1.47
CA ALA A 11 2.39 -4.80 1.88
C ALA A 11 3.56 -4.74 0.91
N ASN A 12 3.27 -4.52 -0.35
CA ASN A 12 4.29 -4.48 -1.39
C ASN A 12 5.00 -3.14 -1.43
N ASN A 13 4.36 -2.11 -0.93
CA ASN A 13 4.92 -0.78 -0.96
C ASN A 13 4.97 -0.21 0.42
N GLN A 14 6.05 -0.49 1.13
CA GLN A 14 6.22 -0.04 2.49
C GLN A 14 6.61 1.44 2.53
N ASP A 15 6.84 2.01 1.38
CA ASP A 15 7.19 3.41 1.28
C ASP A 15 5.93 4.26 1.34
N TYR A 16 4.82 3.71 0.87
CA TYR A 16 3.55 4.40 0.96
C TYR A 16 2.89 4.04 2.26
N CYS A 17 2.95 2.79 2.59
CA CYS A 17 2.28 2.27 3.74
C CYS A 17 3.30 1.94 4.81
N GLY A 1 -0.08 6.29 0.92
CA GLY A 1 -0.32 6.07 -0.50
C GLY A 1 -1.77 5.75 -0.74
N GLY A 2 -2.21 5.89 -1.97
CA GLY A 2 -3.59 5.67 -2.28
C GLY A 2 -3.93 4.21 -2.40
N CYS A 3 -3.02 3.42 -2.92
CA CYS A 3 -3.26 2.01 -3.10
C CYS A 3 -3.06 1.28 -1.78
N CYS A 4 -2.54 2.00 -0.80
CA CYS A 4 -2.36 1.49 0.58
C CYS A 4 -3.69 1.08 1.22
N SER A 5 -4.81 1.52 0.61
CA SER A 5 -6.11 1.11 1.07
C SER A 5 -6.29 -0.39 0.80
N HIS A 6 -5.52 -0.90 -0.15
CA HIS A 6 -5.52 -2.28 -0.52
C HIS A 6 -4.27 -2.92 0.06
N PRO A 7 -4.43 -3.95 0.90
CA PRO A 7 -3.31 -4.69 1.51
C PRO A 7 -2.22 -5.08 0.50
N ALA A 8 -2.64 -5.32 -0.75
CA ALA A 8 -1.74 -5.65 -1.84
C ALA A 8 -0.64 -4.61 -2.00
N CYS A 9 -1.02 -3.37 -2.21
CA CYS A 9 -0.05 -2.31 -2.41
C CYS A 9 0.59 -1.92 -1.11
N ALA A 10 -0.14 -2.07 -0.02
CA ALA A 10 0.37 -1.71 1.29
C ALA A 10 1.52 -2.63 1.71
N ALA A 11 1.37 -3.90 1.41
CA ALA A 11 2.38 -4.89 1.75
C ALA A 11 3.54 -4.86 0.78
N ASN A 12 3.25 -4.76 -0.50
CA ASN A 12 4.31 -4.79 -1.52
C ASN A 12 5.07 -3.47 -1.57
N ASN A 13 4.43 -2.40 -1.19
CA ASN A 13 5.04 -1.09 -1.18
C ASN A 13 4.74 -0.42 0.12
N GLN A 14 5.47 -0.83 1.14
CA GLN A 14 5.28 -0.33 2.50
C GLN A 14 5.79 1.09 2.63
N ASP A 15 6.61 1.48 1.69
CA ASP A 15 7.21 2.80 1.66
C ASP A 15 6.19 3.89 1.37
N TYR A 16 5.14 3.57 0.62
CA TYR A 16 4.09 4.55 0.36
C TYR A 16 3.15 4.64 1.55
N CYS A 17 3.11 3.59 2.33
CA CYS A 17 2.17 3.48 3.40
C CYS A 17 2.84 3.81 4.71
N GLY A 1 -4.13 7.24 0.56
CA GLY A 1 -5.26 6.61 -0.11
C GLY A 1 -4.78 5.76 -1.26
N GLY A 2 -5.61 5.63 -2.28
CA GLY A 2 -5.24 4.89 -3.46
C GLY A 2 -5.16 3.40 -3.21
N CYS A 3 -4.10 2.80 -3.71
CA CYS A 3 -3.89 1.37 -3.60
C CYS A 3 -3.31 1.04 -2.23
N CYS A 4 -2.79 2.05 -1.58
CA CYS A 4 -2.20 1.91 -0.24
C CYS A 4 -3.27 1.52 0.78
N SER A 5 -4.52 1.79 0.46
CA SER A 5 -5.64 1.46 1.31
C SER A 5 -6.04 -0.03 1.10
N HIS A 6 -5.27 -0.73 0.29
CA HIS A 6 -5.50 -2.12 0.00
C HIS A 6 -4.25 -2.91 0.34
N PRO A 7 -4.40 -4.12 0.93
CA PRO A 7 -3.26 -4.98 1.35
C PRO A 7 -2.22 -5.19 0.25
N ALA A 8 -2.70 -5.22 -0.99
CA ALA A 8 -1.86 -5.43 -2.18
C ALA A 8 -0.69 -4.45 -2.20
N CYS A 9 -0.98 -3.18 -2.22
CA CYS A 9 0.07 -2.19 -2.26
C CYS A 9 0.57 -1.86 -0.87
N ALA A 10 -0.24 -2.12 0.14
CA ALA A 10 0.16 -1.84 1.50
C ALA A 10 1.32 -2.73 1.94
N ALA A 11 1.25 -4.00 1.59
CA ALA A 11 2.28 -4.94 1.97
C ALA A 11 3.49 -4.91 1.03
N ASN A 12 3.27 -4.55 -0.23
CA ASN A 12 4.39 -4.55 -1.20
C ASN A 12 5.04 -3.21 -1.32
N ASN A 13 4.31 -2.16 -1.03
CA ASN A 13 4.82 -0.82 -1.18
C ASN A 13 4.79 -0.15 0.17
N GLN A 14 5.67 -0.59 1.03
CA GLN A 14 5.73 -0.12 2.39
C GLN A 14 6.39 1.25 2.47
N ASP A 15 6.86 1.74 1.34
CA ASP A 15 7.41 3.07 1.27
C ASP A 15 6.28 4.09 1.21
N TYR A 16 5.08 3.60 0.89
CA TYR A 16 3.90 4.44 0.90
C TYR A 16 3.15 4.22 2.20
N CYS A 17 2.88 2.97 2.48
CA CYS A 17 2.09 2.61 3.62
C CYS A 17 3.00 2.39 4.82
N GLY A 1 -2.56 8.72 -2.32
CA GLY A 1 -3.09 7.58 -1.60
C GLY A 1 -3.90 6.70 -2.51
N GLY A 2 -4.56 5.71 -1.97
CA GLY A 2 -5.38 4.86 -2.78
C GLY A 2 -5.01 3.41 -2.66
N CYS A 3 -3.95 3.01 -3.33
CA CYS A 3 -3.52 1.60 -3.37
C CYS A 3 -3.05 1.14 -2.00
N CYS A 4 -2.59 2.08 -1.20
CA CYS A 4 -2.11 1.80 0.15
C CYS A 4 -3.28 1.38 1.05
N SER A 5 -4.50 1.67 0.62
CA SER A 5 -5.69 1.32 1.35
C SER A 5 -6.15 -0.09 0.92
N HIS A 6 -5.33 -0.74 0.12
CA HIS A 6 -5.60 -2.07 -0.35
C HIS A 6 -4.42 -2.94 0.01
N PRO A 7 -4.64 -4.23 0.33
CA PRO A 7 -3.57 -5.18 0.71
C PRO A 7 -2.39 -5.21 -0.27
N ALA A 8 -2.66 -4.95 -1.56
CA ALA A 8 -1.65 -4.96 -2.62
C ALA A 8 -0.48 -4.05 -2.28
N CYS A 9 -0.75 -2.78 -2.09
CA CYS A 9 0.31 -1.87 -1.79
C CYS A 9 0.62 -1.82 -0.31
N ALA A 10 -0.33 -2.21 0.52
CA ALA A 10 -0.11 -2.18 1.95
C ALA A 10 0.93 -3.22 2.37
N ALA A 11 0.90 -4.37 1.73
CA ALA A 11 1.84 -5.43 2.04
C ALA A 11 3.15 -5.33 1.25
N ASN A 12 3.15 -4.61 0.12
CA ASN A 12 4.37 -4.57 -0.72
C ASN A 12 5.04 -3.23 -0.74
N ASN A 13 4.30 -2.19 -0.50
CA ASN A 13 4.83 -0.87 -0.66
C ASN A 13 5.01 -0.18 0.63
N GLN A 14 6.19 -0.30 1.14
CA GLN A 14 6.59 0.31 2.39
C GLN A 14 6.85 1.80 2.15
N ASP A 15 6.96 2.16 0.87
CA ASP A 15 7.15 3.54 0.46
C ASP A 15 5.83 4.28 0.48
N TYR A 16 4.74 3.53 0.37
CA TYR A 16 3.42 4.10 0.47
C TYR A 16 2.86 3.89 1.85
N CYS A 17 2.96 2.69 2.32
CA CYS A 17 2.39 2.29 3.57
C CYS A 17 3.45 2.20 4.64
N GLY A 1 -2.76 8.43 0.49
CA GLY A 1 -2.93 8.05 -0.90
C GLY A 1 -4.09 7.12 -1.07
N GLY A 2 -3.98 6.21 -2.00
CA GLY A 2 -5.03 5.25 -2.23
C GLY A 2 -4.49 3.89 -2.56
N CYS A 3 -3.18 3.73 -2.54
CA CYS A 3 -2.57 2.45 -2.86
C CYS A 3 -2.53 1.58 -1.60
N CYS A 4 -2.09 2.17 -0.50
CA CYS A 4 -1.90 1.44 0.77
C CYS A 4 -3.24 1.02 1.38
N SER A 5 -4.32 1.62 0.88
CA SER A 5 -5.67 1.28 1.27
C SER A 5 -5.97 -0.16 0.84
N HIS A 6 -5.27 -0.59 -0.19
CA HIS A 6 -5.37 -1.94 -0.69
C HIS A 6 -4.21 -2.72 -0.12
N PRO A 7 -4.47 -3.89 0.48
CA PRO A 7 -3.43 -4.75 1.06
C PRO A 7 -2.36 -5.14 0.02
N ALA A 8 -2.75 -5.12 -1.25
CA ALA A 8 -1.85 -5.38 -2.37
C ALA A 8 -0.66 -4.43 -2.31
N CYS A 9 -0.93 -3.15 -2.20
CA CYS A 9 0.16 -2.18 -2.11
C CYS A 9 0.77 -2.25 -0.74
N ALA A 10 -0.07 -2.32 0.29
CA ALA A 10 0.39 -2.27 1.68
C ALA A 10 1.46 -3.33 2.01
N ALA A 11 1.29 -4.53 1.49
CA ALA A 11 2.22 -5.62 1.78
C ALA A 11 3.48 -5.56 0.92
N ASN A 12 3.37 -5.01 -0.28
CA ASN A 12 4.52 -5.01 -1.21
C ASN A 12 5.23 -3.68 -1.20
N ASN A 13 4.54 -2.67 -0.82
CA ASN A 13 5.03 -1.33 -0.84
C ASN A 13 4.76 -0.65 0.45
N GLN A 14 5.73 -0.64 1.32
CA GLN A 14 5.60 0.05 2.57
C GLN A 14 5.80 1.53 2.33
N ASP A 15 6.38 1.85 1.18
CA ASP A 15 6.66 3.22 0.76
C ASP A 15 5.37 4.01 0.57
N TYR A 16 4.28 3.34 0.28
CA TYR A 16 3.00 4.04 0.09
C TYR A 16 2.23 4.19 1.39
N CYS A 17 2.74 3.62 2.44
CA CYS A 17 2.07 3.68 3.72
C CYS A 17 2.80 4.69 4.62
N GLY A 1 -2.23 8.79 -4.00
CA GLY A 1 -3.28 7.80 -4.25
C GLY A 1 -3.59 7.06 -2.99
N GLY A 2 -4.43 6.05 -3.07
CA GLY A 2 -4.81 5.32 -1.90
C GLY A 2 -4.70 3.83 -2.08
N CYS A 3 -3.64 3.39 -2.73
CA CYS A 3 -3.42 1.97 -2.94
C CYS A 3 -2.99 1.32 -1.64
N CYS A 4 -2.59 2.15 -0.71
CA CYS A 4 -2.22 1.72 0.64
C CYS A 4 -3.48 1.21 1.38
N SER A 5 -4.66 1.50 0.85
CA SER A 5 -5.90 0.98 1.41
C SER A 5 -6.22 -0.40 0.79
N HIS A 6 -5.32 -0.86 -0.05
CA HIS A 6 -5.44 -2.14 -0.69
C HIS A 6 -4.27 -2.99 -0.24
N PRO A 7 -4.51 -4.24 0.18
CA PRO A 7 -3.44 -5.17 0.63
C PRO A 7 -2.25 -5.22 -0.33
N ALA A 8 -2.56 -5.11 -1.63
CA ALA A 8 -1.57 -5.10 -2.72
C ALA A 8 -0.41 -4.15 -2.42
N CYS A 9 -0.71 -2.89 -2.23
CA CYS A 9 0.32 -1.92 -1.98
C CYS A 9 0.61 -1.82 -0.49
N ALA A 10 -0.36 -2.13 0.34
CA ALA A 10 -0.16 -2.02 1.79
C ALA A 10 0.87 -3.02 2.31
N ALA A 11 0.90 -4.19 1.72
CA ALA A 11 1.85 -5.20 2.12
C ALA A 11 3.18 -5.05 1.40
N ASN A 12 3.13 -4.85 0.09
CA ASN A 12 4.37 -4.84 -0.72
C ASN A 12 5.03 -3.49 -0.79
N ASN A 13 4.28 -2.43 -0.61
CA ASN A 13 4.83 -1.10 -0.78
C ASN A 13 4.90 -0.40 0.54
N GLN A 14 6.00 -0.59 1.23
CA GLN A 14 6.19 0.03 2.53
C GLN A 14 6.59 1.50 2.35
N ASP A 15 6.84 1.88 1.12
CA ASP A 15 7.19 3.26 0.79
C ASP A 15 5.94 4.06 0.44
N TYR A 16 4.84 3.35 0.25
CA TYR A 16 3.54 3.99 0.00
C TYR A 16 2.78 4.11 1.30
N CYS A 17 3.07 3.23 2.21
CA CYS A 17 2.46 3.24 3.51
C CYS A 17 3.50 3.66 4.53
N GLY A 1 -1.25 9.00 -4.28
CA GLY A 1 -1.85 7.69 -4.55
C GLY A 1 -2.45 7.12 -3.30
N GLY A 2 -3.40 6.23 -3.44
CA GLY A 2 -4.04 5.66 -2.30
C GLY A 2 -4.31 4.19 -2.50
N CYS A 3 -3.34 3.49 -3.04
CA CYS A 3 -3.47 2.05 -3.25
C CYS A 3 -3.26 1.34 -1.93
N CYS A 4 -2.73 2.07 -0.97
CA CYS A 4 -2.46 1.57 0.39
C CYS A 4 -3.74 1.02 1.05
N SER A 5 -4.91 1.48 0.56
CA SER A 5 -6.19 1.01 1.01
C SER A 5 -6.35 -0.50 0.73
N HIS A 6 -5.65 -0.96 -0.29
CA HIS A 6 -5.63 -2.35 -0.64
C HIS A 6 -4.38 -2.97 -0.06
N PRO A 7 -4.54 -4.07 0.69
CA PRO A 7 -3.42 -4.80 1.33
C PRO A 7 -2.30 -5.13 0.35
N ALA A 8 -2.66 -5.35 -0.91
CA ALA A 8 -1.70 -5.63 -1.98
C ALA A 8 -0.60 -4.56 -2.01
N CYS A 9 -1.00 -3.33 -2.21
CA CYS A 9 -0.05 -2.23 -2.27
C CYS A 9 0.49 -1.89 -0.89
N ALA A 10 -0.31 -2.11 0.13
CA ALA A 10 0.11 -1.80 1.49
C ALA A 10 1.23 -2.72 1.95
N ALA A 11 1.21 -3.95 1.49
CA ALA A 11 2.21 -4.93 1.86
C ALA A 11 3.43 -4.82 0.99
N ASN A 12 3.21 -4.63 -0.29
CA ASN A 12 4.31 -4.59 -1.23
C ASN A 12 4.99 -3.25 -1.29
N ASN A 13 4.29 -2.20 -0.93
CA ASN A 13 4.87 -0.89 -0.94
C ASN A 13 4.86 -0.29 0.43
N GLN A 14 5.85 -0.66 1.21
CA GLN A 14 6.01 -0.15 2.56
C GLN A 14 6.54 1.28 2.51
N ASP A 15 6.96 1.68 1.32
CA ASP A 15 7.47 3.02 1.09
C ASP A 15 6.33 4.02 1.01
N TYR A 16 5.16 3.55 0.58
CA TYR A 16 3.99 4.42 0.50
C TYR A 16 3.22 4.39 1.79
N CYS A 17 3.19 3.25 2.41
CA CYS A 17 2.46 3.08 3.64
C CYS A 17 3.40 3.23 4.82
#